data_1L4H
#
_entry.id   1L4H
#
_cell.length_a   71.720
_cell.length_b   90.070
_cell.length_c   47.570
_cell.angle_alpha   90.00
_cell.angle_beta   90.00
_cell.angle_gamma   90.00
#
_symmetry.space_group_name_H-M   'P 21 21 2'
#
loop_
_entity.id
_entity.type
_entity.pdbx_description
1 polymer 'Nicotinate-nucleotide--dimethylbenzimidazole phosphoribosyltransferase'
2 non-polymer INDOLE
3 non-polymer 'NICOTINATE MONONUCLEOTIDE'
4 water water
#
_entity_poly.entity_id   1
_entity_poly.type   'polypeptide(L)'
_entity_poly.pdbx_seq_one_letter_code
;MQTLHALLRDIPAPDAEAMARTQQHIDGLLKPPGSLGRLETLAVQLAGMPGLNGTPQVGEKAVLVMCADHGVWDEGVAVS
PKIVTAIQAANMTRGTTGVCVLAAQAGAKVHVIDVGIDAEPIPGVVNMRVARGCGNIAVGPAMSRLQAEALLLEVSRYTC
DLAQRGVTLFGVGELGMANTTPAAAMVSVFTGSDAKEVVGIGANLPPSRIDNKVDVVRRAIAINQPNPRDGIDVLSKVGG
FDLVGMTGVMLGAARCGLPVLLDGFLSYSAALAACQIAPAVRPYLIPSHFSAEKGARIALAHLSMEPYLHMAMRLGEGSG
AALAMPIVEAACAMFHNMGELAASNIVLPEGNANAT
;
_entity_poly.pdbx_strand_id   A
#
# COMPACT_ATOMS: atom_id res chain seq x y z
N LEU A 4 -17.61 -7.05 -9.08
CA LEU A 4 -16.79 -6.77 -7.86
C LEU A 4 -17.06 -7.80 -6.77
N HIS A 5 -18.26 -8.37 -6.78
CA HIS A 5 -18.61 -9.40 -5.80
C HIS A 5 -17.87 -10.66 -6.18
N ALA A 6 -17.78 -10.91 -7.49
CA ALA A 6 -17.08 -12.06 -8.01
C ALA A 6 -15.61 -11.92 -7.64
N LEU A 7 -15.09 -10.73 -7.87
CA LEU A 7 -13.70 -10.41 -7.56
C LEU A 7 -13.36 -10.84 -6.15
N LEU A 8 -14.08 -10.27 -5.19
CA LEU A 8 -13.86 -10.54 -3.78
C LEU A 8 -14.06 -12.00 -3.39
N ARG A 9 -15.01 -12.65 -4.04
CA ARG A 9 -15.32 -14.04 -3.76
C ARG A 9 -14.21 -14.98 -4.21
N ASP A 10 -13.59 -14.65 -5.34
CA ASP A 10 -12.54 -15.50 -5.90
C ASP A 10 -11.11 -15.27 -5.38
N ILE A 11 -10.94 -14.52 -4.31
CA ILE A 11 -9.60 -14.30 -3.78
C ILE A 11 -9.17 -15.62 -3.18
N PRO A 12 -8.08 -16.22 -3.68
CA PRO A 12 -7.64 -17.51 -3.14
C PRO A 12 -7.08 -17.50 -1.73
N ALA A 13 -7.22 -18.62 -1.04
CA ALA A 13 -6.69 -18.75 0.31
C ALA A 13 -5.23 -19.20 0.16
N PRO A 14 -4.39 -18.95 1.16
CA PRO A 14 -2.98 -19.36 1.08
C PRO A 14 -2.88 -20.89 0.99
N ASP A 15 -1.85 -21.36 0.30
CA ASP A 15 -1.60 -22.79 0.09
C ASP A 15 -0.78 -23.34 1.27
N ALA A 16 -1.47 -23.89 2.26
CA ALA A 16 -0.83 -24.43 3.45
C ALA A 16 0.12 -25.56 3.14
N GLU A 17 -0.16 -26.32 2.08
CA GLU A 17 0.69 -27.44 1.72
C GLU A 17 2.06 -26.93 1.31
N ALA A 18 2.07 -25.93 0.43
CA ALA A 18 3.32 -25.37 -0.03
C ALA A 18 4.05 -24.71 1.13
N MET A 19 3.30 -24.09 2.04
CA MET A 19 3.92 -23.43 3.19
C MET A 19 4.63 -24.44 4.08
N ALA A 20 4.03 -25.62 4.25
CA ALA A 20 4.63 -26.66 5.08
C ALA A 20 5.94 -27.17 4.42
N ARG A 21 5.92 -27.39 3.10
CA ARG A 21 7.13 -27.85 2.42
C ARG A 21 8.21 -26.78 2.54
N THR A 22 7.80 -25.52 2.52
CA THR A 22 8.76 -24.45 2.65
C THR A 22 9.45 -24.46 4.00
N GLN A 23 8.66 -24.55 5.06
CA GLN A 23 9.21 -24.55 6.41
C GLN A 23 10.21 -25.68 6.61
N GLN A 24 9.85 -26.89 6.20
CA GLN A 24 10.72 -28.06 6.33
C GLN A 24 12.06 -27.81 5.62
N HIS A 25 12.00 -27.23 4.43
CA HIS A 25 13.21 -26.94 3.67
C HIS A 25 14.06 -25.86 4.34
N ILE A 26 13.42 -24.81 4.84
CA ILE A 26 14.13 -23.73 5.50
C ILE A 26 14.79 -24.27 6.77
N ASP A 27 14.12 -25.16 7.48
CA ASP A 27 14.68 -25.71 8.71
C ASP A 27 15.94 -26.53 8.44
N GLY A 28 16.06 -27.08 7.23
CA GLY A 28 17.22 -27.89 6.91
C GLY A 28 18.42 -27.14 6.34
N LEU A 29 18.29 -25.84 6.15
CA LEU A 29 19.40 -25.06 5.60
C LEU A 29 20.57 -24.96 6.56
N LEU A 30 21.72 -24.57 6.02
CA LEU A 30 22.98 -24.46 6.75
C LEU A 30 22.97 -23.35 7.80
N LYS A 31 22.26 -23.54 8.89
CA LYS A 31 22.20 -22.53 9.92
C LYS A 31 21.37 -23.04 11.09
N PRO A 32 21.49 -22.38 12.24
CA PRO A 32 20.71 -22.82 13.39
C PRO A 32 19.24 -22.57 13.03
N PRO A 33 18.36 -23.51 13.35
CA PRO A 33 16.94 -23.36 13.05
C PRO A 33 16.40 -22.03 13.58
N GLY A 34 15.67 -21.32 12.74
CA GLY A 34 15.09 -20.04 13.12
C GLY A 34 16.05 -18.86 13.24
N SER A 35 17.35 -19.11 13.04
CA SER A 35 18.34 -18.04 13.16
C SER A 35 18.19 -16.90 12.19
N LEU A 36 17.56 -17.13 11.05
CA LEU A 36 17.36 -16.05 10.09
C LEU A 36 16.04 -15.30 10.32
N GLY A 37 15.39 -15.61 11.44
CA GLY A 37 14.15 -14.96 11.84
C GLY A 37 13.06 -14.58 10.86
N ARG A 38 12.82 -13.27 10.75
CA ARG A 38 11.77 -12.76 9.88
C ARG A 38 11.99 -13.05 8.38
N LEU A 39 13.24 -13.27 8.01
CA LEU A 39 13.54 -13.60 6.63
C LEU A 39 12.91 -14.98 6.35
N GLU A 40 12.87 -15.85 7.36
CA GLU A 40 12.29 -17.18 7.17
C GLU A 40 10.76 -17.14 7.09
N THR A 41 10.14 -16.40 8.00
CA THR A 41 8.69 -16.27 8.01
C THR A 41 8.24 -15.63 6.70
N LEU A 42 9.02 -14.68 6.20
CA LEU A 42 8.68 -14.01 4.94
C LEU A 42 8.69 -15.04 3.78
N ALA A 43 9.74 -15.85 3.73
CA ALA A 43 9.86 -16.86 2.67
C ALA A 43 8.68 -17.82 2.68
N VAL A 44 8.20 -18.16 3.88
CA VAL A 44 7.08 -19.08 4.02
C VAL A 44 5.79 -18.41 3.59
N GLN A 45 5.65 -17.13 3.95
CA GLN A 45 4.47 -16.39 3.57
C GLN A 45 4.37 -16.38 2.06
N LEU A 46 5.47 -16.07 1.39
CA LEU A 46 5.50 -16.02 -0.07
C LEU A 46 5.15 -17.38 -0.70
N ALA A 47 5.65 -18.46 -0.10
CA ALA A 47 5.37 -19.80 -0.61
C ALA A 47 3.87 -20.12 -0.57
N GLY A 48 3.14 -19.45 0.30
CA GLY A 48 1.71 -19.72 0.40
C GLY A 48 0.86 -19.02 -0.66
N MET A 49 1.47 -18.09 -1.38
CA MET A 49 0.76 -17.32 -2.41
C MET A 49 0.67 -18.06 -3.76
N PRO A 50 -0.54 -18.49 -4.13
CA PRO A 50 -0.80 -19.24 -5.38
C PRO A 50 -0.14 -18.73 -6.66
N GLY A 51 -0.09 -17.41 -6.85
CA GLY A 51 0.54 -16.86 -8.05
C GLY A 51 2.05 -17.07 -8.12
N LEU A 52 2.64 -17.51 -7.01
CA LEU A 52 4.08 -17.73 -6.94
C LEU A 52 4.47 -19.18 -7.19
N ASN A 53 3.51 -20.01 -7.58
CA ASN A 53 3.81 -21.39 -7.90
C ASN A 53 4.53 -22.25 -6.82
N GLY A 54 3.99 -22.21 -5.60
CA GLY A 54 4.50 -23.03 -4.51
C GLY A 54 5.91 -22.81 -4.01
N THR A 55 6.48 -21.65 -4.32
CA THR A 55 7.83 -21.38 -3.89
C THR A 55 8.09 -19.89 -3.80
N PRO A 56 9.00 -19.49 -2.90
CA PRO A 56 9.30 -18.06 -2.78
C PRO A 56 10.15 -17.66 -3.98
N GLN A 57 9.63 -16.77 -4.83
CA GLN A 57 10.35 -16.32 -6.00
C GLN A 57 9.88 -14.92 -6.41
N VAL A 58 10.74 -14.19 -7.09
CA VAL A 58 10.42 -12.85 -7.57
C VAL A 58 10.84 -12.73 -9.02
N GLY A 59 9.88 -12.46 -9.90
CA GLY A 59 10.20 -12.28 -11.30
C GLY A 59 10.31 -10.78 -11.53
N GLU A 60 9.40 -10.20 -12.30
CA GLU A 60 9.43 -8.75 -12.54
C GLU A 60 8.79 -8.02 -11.36
N LYS A 61 9.24 -6.81 -11.11
CA LYS A 61 8.73 -6.01 -10.01
C LYS A 61 8.11 -4.71 -10.52
N ALA A 62 7.00 -4.29 -9.93
CA ALA A 62 6.37 -3.04 -10.35
C ALA A 62 5.87 -2.25 -9.17
N VAL A 63 5.94 -0.93 -9.28
CA VAL A 63 5.44 -0.06 -8.24
C VAL A 63 4.35 0.78 -8.90
N LEU A 64 3.13 0.68 -8.38
CA LEU A 64 2.00 1.44 -8.92
C LEU A 64 1.76 2.67 -8.05
N VAL A 65 1.84 3.84 -8.68
CA VAL A 65 1.68 5.10 -7.98
C VAL A 65 0.38 5.78 -8.41
N MET A 66 -0.54 5.92 -7.45
CA MET A 66 -1.85 6.52 -7.70
C MET A 66 -1.82 8.03 -7.39
N CYS A 67 -2.08 8.84 -8.39
CA CYS A 67 -2.06 10.29 -8.24
C CYS A 67 -3.43 10.92 -8.34
N ALA A 68 -3.71 11.86 -7.44
CA ALA A 68 -4.99 12.53 -7.45
C ALA A 68 -4.98 13.70 -6.50
N ASP A 69 -5.85 14.66 -6.74
CA ASP A 69 -5.95 15.84 -5.91
C ASP A 69 -7.17 15.73 -5.01
N HIS A 70 -7.18 16.55 -3.96
CA HIS A 70 -8.23 16.51 -2.94
C HIS A 70 -8.84 17.87 -2.70
N GLY A 71 -10.17 17.93 -2.64
CA GLY A 71 -10.84 19.20 -2.41
C GLY A 71 -10.57 19.76 -1.01
N VAL A 72 -10.24 18.89 -0.06
CA VAL A 72 -9.98 19.32 1.31
C VAL A 72 -8.70 20.16 1.41
N TRP A 73 -7.98 20.26 0.30
CA TRP A 73 -6.77 21.08 0.24
C TRP A 73 -7.15 22.54 0.54
N ASP A 74 -8.35 22.95 0.14
CA ASP A 74 -8.77 24.33 0.36
C ASP A 74 -8.98 24.68 1.83
N GLU A 75 -9.02 23.67 2.69
CA GLU A 75 -9.21 23.89 4.12
C GLU A 75 -7.90 24.27 4.82
N GLY A 76 -6.84 24.47 4.04
CA GLY A 76 -5.56 24.86 4.62
C GLY A 76 -4.83 23.78 5.41
N VAL A 77 -5.03 22.52 5.04
CA VAL A 77 -4.40 21.40 5.74
C VAL A 77 -3.04 20.98 5.14
N ALA A 78 -2.62 21.64 4.07
CA ALA A 78 -1.34 21.32 3.41
C ALA A 78 -0.60 22.57 2.94
N VAL A 79 0.71 22.63 3.19
CA VAL A 79 1.52 23.78 2.79
C VAL A 79 2.08 23.67 1.37
N SER A 80 2.02 22.47 0.78
CA SER A 80 2.51 22.30 -0.59
C SER A 80 1.47 22.84 -1.57
N PRO A 81 1.91 23.56 -2.61
CA PRO A 81 0.98 24.11 -3.60
C PRO A 81 0.25 22.94 -4.26
N LYS A 82 -1.01 23.15 -4.59
CA LYS A 82 -1.82 22.09 -5.18
C LYS A 82 -1.23 21.54 -6.47
N ILE A 83 -0.66 22.42 -7.28
CA ILE A 83 -0.06 22.06 -8.56
C ILE A 83 1.06 21.03 -8.43
N VAL A 84 1.68 20.93 -7.26
CA VAL A 84 2.76 19.98 -7.07
C VAL A 84 2.34 18.56 -7.46
N THR A 85 1.07 18.21 -7.24
CA THR A 85 0.62 16.87 -7.62
C THR A 85 0.87 16.63 -9.12
N ALA A 86 0.43 17.58 -9.94
CA ALA A 86 0.58 17.47 -11.37
C ALA A 86 2.04 17.49 -11.81
N ILE A 87 2.81 18.39 -11.21
CA ILE A 87 4.22 18.52 -11.52
C ILE A 87 4.98 17.23 -11.20
N GLN A 88 4.77 16.70 -9.99
CA GLN A 88 5.43 15.48 -9.58
C GLN A 88 5.00 14.27 -10.41
N ALA A 89 3.76 14.24 -10.88
CA ALA A 89 3.32 13.12 -11.68
C ALA A 89 4.10 13.13 -13.00
N ALA A 90 4.35 14.34 -13.52
CA ALA A 90 5.11 14.46 -14.75
C ALA A 90 6.54 14.00 -14.47
N ASN A 91 7.12 14.45 -13.36
CA ASN A 91 8.48 14.01 -13.04
C ASN A 91 8.58 12.50 -12.95
N MET A 92 7.49 11.84 -12.54
CA MET A 92 7.51 10.40 -12.43
C MET A 92 7.85 9.76 -13.78
N THR A 93 7.39 10.38 -14.87
CA THR A 93 7.66 9.86 -16.21
C THR A 93 9.08 10.16 -16.66
N ARG A 94 9.81 10.99 -15.91
CA ARG A 94 11.18 11.34 -16.27
C ARG A 94 12.21 10.60 -15.44
N GLY A 95 11.75 9.85 -14.44
CA GLY A 95 12.66 9.08 -13.60
C GLY A 95 13.47 9.88 -12.59
N THR A 96 13.04 11.10 -12.28
CA THR A 96 13.79 11.93 -11.34
C THR A 96 13.25 11.96 -9.91
N THR A 97 12.09 11.36 -9.67
CA THR A 97 11.50 11.36 -8.33
C THR A 97 12.13 10.33 -7.38
N GLY A 98 11.85 10.48 -6.09
CA GLY A 98 12.36 9.55 -5.09
C GLY A 98 12.02 8.10 -5.39
N VAL A 99 10.75 7.79 -5.70
CA VAL A 99 10.39 6.38 -5.98
C VAL A 99 11.05 5.88 -7.27
N CYS A 100 11.25 6.76 -8.24
CA CYS A 100 11.88 6.36 -9.49
C CYS A 100 13.32 5.91 -9.26
N VAL A 101 14.05 6.68 -8.47
CA VAL A 101 15.44 6.37 -8.17
C VAL A 101 15.56 5.09 -7.34
N LEU A 102 14.72 4.96 -6.32
CA LEU A 102 14.77 3.77 -5.49
C LEU A 102 14.31 2.53 -6.27
N ALA A 103 13.30 2.68 -7.14
CA ALA A 103 12.79 1.57 -7.93
C ALA A 103 13.86 1.08 -8.90
N ALA A 104 14.54 2.01 -9.55
CA ALA A 104 15.61 1.67 -10.49
C ALA A 104 16.69 0.86 -9.78
N GLN A 105 16.99 1.26 -8.55
CA GLN A 105 18.01 0.60 -7.75
C GLN A 105 17.56 -0.85 -7.45
N ALA A 106 16.24 -1.05 -7.36
CA ALA A 106 15.66 -2.36 -7.07
C ALA A 106 15.31 -3.13 -8.34
N GLY A 107 15.54 -2.53 -9.50
CA GLY A 107 15.22 -3.21 -10.74
C GLY A 107 13.71 -3.35 -10.97
N ALA A 108 12.94 -2.40 -10.46
CA ALA A 108 11.49 -2.43 -10.62
C ALA A 108 11.03 -1.29 -11.54
N LYS A 109 9.90 -1.47 -12.20
CA LYS A 109 9.39 -0.42 -13.07
C LYS A 109 8.27 0.31 -12.36
N VAL A 110 8.23 1.62 -12.52
CA VAL A 110 7.21 2.45 -11.90
C VAL A 110 6.06 2.73 -12.88
N HIS A 111 4.83 2.51 -12.42
CA HIS A 111 3.66 2.79 -13.23
C HIS A 111 2.97 3.97 -12.56
N VAL A 112 2.80 5.06 -13.30
CA VAL A 112 2.15 6.25 -12.77
C VAL A 112 0.70 6.26 -13.27
N ILE A 113 -0.26 6.19 -12.35
CA ILE A 113 -1.65 6.19 -12.74
C ILE A 113 -2.39 7.43 -12.21
N ASP A 114 -3.00 8.18 -13.12
CA ASP A 114 -3.75 9.37 -12.78
C ASP A 114 -5.19 8.92 -12.51
N VAL A 115 -5.63 8.99 -11.26
CA VAL A 115 -7.00 8.60 -10.94
C VAL A 115 -7.86 9.82 -10.57
N GLY A 116 -7.28 11.01 -10.67
CA GLY A 116 -8.04 12.21 -10.35
C GLY A 116 -7.24 13.47 -10.09
N ILE A 117 -6.21 13.70 -10.90
CA ILE A 117 -5.38 14.90 -10.76
C ILE A 117 -6.19 16.08 -11.30
N ASP A 118 -6.14 17.22 -10.60
CA ASP A 118 -6.86 18.42 -11.00
C ASP A 118 -6.00 19.27 -11.92
N ALA A 119 -5.87 18.83 -13.16
CA ALA A 119 -5.07 19.53 -14.15
C ALA A 119 -5.32 18.81 -15.47
N GLU A 120 -4.78 19.34 -16.57
CA GLU A 120 -4.95 18.69 -17.85
C GLU A 120 -4.20 17.36 -17.83
N PRO A 121 -4.63 16.41 -18.67
CA PRO A 121 -4.01 15.08 -18.76
C PRO A 121 -2.51 15.19 -18.99
N ILE A 122 -1.74 14.32 -18.34
CA ILE A 122 -0.29 14.34 -18.51
C ILE A 122 0.14 13.17 -19.40
N PRO A 123 0.76 13.48 -20.54
CA PRO A 123 1.20 12.43 -21.47
C PRO A 123 2.16 11.47 -20.79
N GLY A 124 2.02 10.18 -21.08
CA GLY A 124 2.90 9.20 -20.47
C GLY A 124 2.36 8.64 -19.18
N VAL A 125 1.34 9.29 -18.63
CA VAL A 125 0.73 8.80 -17.40
C VAL A 125 -0.52 7.98 -17.72
N VAL A 126 -0.68 6.83 -17.08
CA VAL A 126 -1.83 5.98 -17.31
C VAL A 126 -3.06 6.78 -16.91
N ASN A 127 -4.03 6.86 -17.82
CA ASN A 127 -5.22 7.64 -17.53
C ASN A 127 -6.39 6.83 -16.98
N MET A 128 -6.75 7.07 -15.72
CA MET A 128 -7.91 6.42 -15.09
C MET A 128 -8.60 7.46 -14.21
N ARG A 129 -8.50 8.73 -14.60
CA ARG A 129 -9.09 9.80 -13.78
C ARG A 129 -10.59 9.73 -13.61
N VAL A 130 -11.03 9.86 -12.37
CA VAL A 130 -12.44 9.83 -12.08
C VAL A 130 -12.98 11.23 -12.27
N ALA A 131 -12.26 12.22 -11.74
CA ALA A 131 -12.66 13.62 -11.89
C ALA A 131 -11.45 14.48 -11.57
N ARG A 132 -11.56 15.78 -11.77
CA ARG A 132 -10.45 16.67 -11.44
C ARG A 132 -10.47 16.90 -9.94
N GLY A 133 -9.90 15.95 -9.20
CA GLY A 133 -9.88 16.04 -7.75
C GLY A 133 -11.19 15.54 -7.17
N CYS A 134 -11.16 15.02 -5.95
CA CYS A 134 -12.36 14.51 -5.29
C CYS A 134 -13.04 15.63 -4.48
N GLY A 135 -14.25 15.40 -4.00
CA GLY A 135 -14.93 16.41 -3.22
C GLY A 135 -14.23 16.70 -1.90
N ASN A 136 -14.46 17.91 -1.36
CA ASN A 136 -13.89 18.35 -0.09
C ASN A 136 -14.60 17.60 1.02
N ILE A 137 -13.92 16.61 1.59
CA ILE A 137 -14.52 15.79 2.66
C ILE A 137 -14.96 16.55 3.89
N ALA A 138 -14.59 17.81 4.00
CA ALA A 138 -14.98 18.62 5.15
C ALA A 138 -16.46 19.01 5.13
N VAL A 139 -17.05 19.07 3.93
CA VAL A 139 -18.45 19.47 3.81
C VAL A 139 -19.34 18.44 3.16
N GLY A 140 -18.77 17.30 2.78
CA GLY A 140 -19.55 16.28 2.13
C GLY A 140 -18.63 15.14 1.74
N PRO A 141 -19.13 14.19 0.94
CA PRO A 141 -18.33 13.04 0.52
C PRO A 141 -17.29 13.34 -0.55
N ALA A 142 -16.24 12.53 -0.55
CA ALA A 142 -15.18 12.65 -1.52
C ALA A 142 -15.68 12.21 -2.91
N MET A 143 -16.59 11.24 -2.94
CA MET A 143 -17.10 10.72 -4.21
C MET A 143 -18.33 9.84 -3.96
N SER A 144 -18.97 9.37 -5.02
CA SER A 144 -20.14 8.50 -4.84
C SER A 144 -19.64 7.06 -4.61
N ARG A 145 -20.51 6.23 -4.05
CA ARG A 145 -20.14 4.84 -3.79
C ARG A 145 -19.84 4.14 -5.11
N LEU A 146 -20.61 4.46 -6.14
CA LEU A 146 -20.41 3.86 -7.45
C LEU A 146 -19.05 4.23 -8.03
N GLN A 147 -18.65 5.49 -7.88
CA GLN A 147 -17.34 5.91 -8.38
C GLN A 147 -16.22 5.15 -7.67
N ALA A 148 -16.40 4.87 -6.38
CA ALA A 148 -15.40 4.13 -5.65
C ALA A 148 -15.34 2.70 -6.18
N GLU A 149 -16.51 2.06 -6.30
CA GLU A 149 -16.58 0.68 -6.78
C GLU A 149 -16.03 0.50 -8.19
N ALA A 150 -16.34 1.44 -9.07
CA ALA A 150 -15.84 1.36 -10.43
C ALA A 150 -14.31 1.46 -10.45
N LEU A 151 -13.76 2.41 -9.71
CA LEU A 151 -12.30 2.55 -9.67
C LEU A 151 -11.63 1.33 -9.04
N LEU A 152 -12.26 0.76 -8.00
CA LEU A 152 -11.70 -0.44 -7.37
C LEU A 152 -11.57 -1.52 -8.43
N LEU A 153 -12.62 -1.68 -9.23
CA LEU A 153 -12.65 -2.71 -10.26
C LEU A 153 -11.63 -2.46 -11.36
N GLU A 154 -11.58 -1.22 -11.82
CA GLU A 154 -10.66 -0.81 -12.88
C GLU A 154 -9.20 -1.07 -12.47
N VAL A 155 -8.82 -0.55 -11.32
CA VAL A 155 -7.46 -0.70 -10.83
C VAL A 155 -7.14 -2.18 -10.58
N SER A 156 -8.13 -2.93 -10.07
CA SER A 156 -7.95 -4.35 -9.80
C SER A 156 -7.60 -5.15 -11.04
N ARG A 157 -8.28 -4.87 -12.14
CA ARG A 157 -8.05 -5.59 -13.38
C ARG A 157 -6.68 -5.23 -13.93
N TYR A 158 -6.36 -3.95 -13.90
CA TYR A 158 -5.09 -3.48 -14.40
C TYR A 158 -3.95 -4.20 -13.67
N THR A 159 -4.04 -4.24 -12.34
CA THR A 159 -3.02 -4.87 -11.51
C THR A 159 -2.78 -6.33 -11.88
N CYS A 160 -3.87 -7.08 -12.03
CA CYS A 160 -3.84 -8.49 -12.37
C CYS A 160 -3.33 -8.71 -13.79
N ASP A 161 -3.72 -7.80 -14.68
CA ASP A 161 -3.30 -7.87 -16.06
C ASP A 161 -1.78 -7.82 -16.14
N LEU A 162 -1.14 -7.06 -15.27
CA LEU A 162 0.34 -6.98 -15.26
C LEU A 162 0.92 -8.31 -14.85
N ALA A 163 0.21 -9.01 -13.97
CA ALA A 163 0.67 -10.31 -13.51
C ALA A 163 0.85 -11.23 -14.70
N GLN A 164 -0.01 -11.06 -15.70
CA GLN A 164 0.04 -11.88 -16.89
C GLN A 164 1.25 -11.50 -17.76
N ARG A 165 1.98 -10.46 -17.36
CA ARG A 165 3.15 -10.02 -18.12
C ARG A 165 4.45 -10.31 -17.37
N GLY A 166 4.39 -11.18 -16.36
CA GLY A 166 5.59 -11.53 -15.63
C GLY A 166 5.80 -10.86 -14.28
N VAL A 167 4.95 -9.91 -13.92
CA VAL A 167 5.11 -9.24 -12.63
C VAL A 167 4.66 -10.20 -11.52
N THR A 168 5.49 -10.36 -10.49
CA THR A 168 5.16 -11.26 -9.37
C THR A 168 5.19 -10.54 -8.04
N LEU A 169 5.71 -9.32 -8.04
CA LEU A 169 5.79 -8.52 -6.81
C LEU A 169 5.34 -7.09 -7.06
N PHE A 170 4.36 -6.65 -6.29
CA PHE A 170 3.84 -5.30 -6.44
C PHE A 170 4.21 -4.42 -5.27
N GLY A 171 4.32 -3.14 -5.56
CA GLY A 171 4.61 -2.14 -4.54
C GLY A 171 3.49 -1.13 -4.76
N VAL A 172 3.01 -0.49 -3.71
CA VAL A 172 1.94 0.48 -3.88
C VAL A 172 2.39 1.88 -3.41
N GLY A 173 1.87 2.92 -4.06
CA GLY A 173 2.24 4.26 -3.67
C GLY A 173 1.25 5.30 -4.15
N GLU A 174 1.44 6.54 -3.70
CA GLU A 174 0.53 7.63 -4.06
C GLU A 174 1.23 8.97 -4.20
N LEU A 175 0.46 9.94 -4.67
CA LEU A 175 0.92 11.29 -4.86
C LEU A 175 -0.35 12.13 -4.83
N GLY A 176 -0.42 13.08 -3.91
CA GLY A 176 -1.59 13.95 -3.82
C GLY A 176 -1.50 14.86 -2.62
N MET A 177 -1.32 16.16 -2.87
CA MET A 177 -1.24 17.14 -1.80
C MET A 177 -2.48 17.06 -0.92
N ALA A 178 -2.27 17.10 0.40
CA ALA A 178 -3.34 17.03 1.41
C ALA A 178 -3.88 15.62 1.70
N ASN A 179 -3.32 14.60 1.06
CA ASN A 179 -3.86 13.26 1.31
C ASN A 179 -3.63 12.62 2.68
N THR A 180 -2.84 13.23 3.56
CA THR A 180 -2.69 12.64 4.88
C THR A 180 -3.91 13.02 5.74
N THR A 181 -4.71 13.97 5.27
CA THR A 181 -5.91 14.35 6.02
C THR A 181 -6.95 13.23 5.85
N PRO A 182 -7.38 12.93 4.60
CA PRO A 182 -8.36 11.84 4.49
C PRO A 182 -7.78 10.52 5.05
N ALA A 183 -6.47 10.34 4.93
CA ALA A 183 -5.87 9.12 5.45
C ALA A 183 -6.05 9.09 6.97
N ALA A 184 -5.91 10.23 7.62
CA ALA A 184 -6.09 10.27 9.08
C ALA A 184 -7.54 10.00 9.44
N ALA A 185 -8.47 10.56 8.68
CA ALA A 185 -9.89 10.35 8.94
C ALA A 185 -10.22 8.86 8.89
N MET A 186 -9.77 8.19 7.82
CA MET A 186 -10.01 6.77 7.64
C MET A 186 -9.44 5.97 8.81
N VAL A 187 -8.18 6.22 9.16
CA VAL A 187 -7.56 5.52 10.27
C VAL A 187 -8.36 5.70 11.56
N SER A 188 -8.76 6.95 11.83
CA SER A 188 -9.56 7.24 13.02
C SER A 188 -10.84 6.39 13.06
N VAL A 189 -11.55 6.35 11.93
CA VAL A 189 -12.80 5.58 11.80
C VAL A 189 -12.61 4.07 11.88
N PHE A 190 -11.59 3.54 11.21
CA PHE A 190 -11.37 2.10 11.26
C PHE A 190 -10.84 1.60 12.61
N THR A 191 -10.02 2.40 13.27
CA THR A 191 -9.44 1.98 14.53
C THR A 191 -10.17 2.50 15.76
N GLY A 192 -11.09 3.43 15.55
CA GLY A 192 -11.81 3.99 16.68
C GLY A 192 -10.94 4.90 17.52
N SER A 193 -9.86 5.43 16.94
CA SER A 193 -8.99 6.34 17.70
C SER A 193 -9.41 7.78 17.45
N ASP A 194 -9.18 8.64 18.43
CA ASP A 194 -9.54 10.04 18.27
C ASP A 194 -8.64 10.69 17.23
N ALA A 195 -9.20 11.63 16.48
CA ALA A 195 -8.44 12.34 15.44
C ALA A 195 -7.11 12.88 15.94
N LYS A 196 -7.10 13.41 17.16
CA LYS A 196 -5.88 13.98 17.74
C LYS A 196 -4.74 12.95 17.79
N GLU A 197 -5.08 11.69 18.01
CA GLU A 197 -4.06 10.65 18.09
C GLU A 197 -3.50 10.22 16.74
N VAL A 198 -4.24 10.46 15.66
CA VAL A 198 -3.82 10.01 14.34
C VAL A 198 -3.39 11.07 13.33
N VAL A 199 -3.57 12.35 13.66
CA VAL A 199 -3.20 13.40 12.72
C VAL A 199 -1.73 13.82 12.84
N GLY A 200 -1.01 13.77 11.73
CA GLY A 200 0.41 14.13 11.73
C GLY A 200 0.72 15.39 10.97
N ILE A 201 2.00 15.70 10.81
CA ILE A 201 2.38 16.92 10.08
C ILE A 201 2.45 16.73 8.57
N GLY A 202 2.19 15.52 8.09
CA GLY A 202 2.25 15.27 6.66
C GLY A 202 3.52 15.79 6.03
N ALA A 203 3.40 16.56 4.97
CA ALA A 203 4.56 17.11 4.28
C ALA A 203 4.93 18.46 4.92
N ASN A 204 5.57 18.38 6.08
CA ASN A 204 6.02 19.53 6.83
C ASN A 204 4.98 20.60 7.17
N LEU A 205 3.84 20.19 7.69
CA LEU A 205 2.81 21.14 8.09
C LEU A 205 3.29 21.76 9.40
N PRO A 206 3.34 23.11 9.49
CA PRO A 206 3.79 23.82 10.69
C PRO A 206 3.00 23.39 11.93
N PRO A 207 3.70 23.25 13.05
CA PRO A 207 3.06 22.80 14.28
C PRO A 207 1.84 23.63 14.68
N SER A 208 1.84 24.92 14.33
CA SER A 208 0.74 25.81 14.65
C SER A 208 -0.53 25.54 13.85
N ARG A 209 -0.40 24.81 12.74
CA ARG A 209 -1.56 24.51 11.90
C ARG A 209 -2.17 23.13 12.17
N ILE A 210 -1.59 22.39 13.10
CA ILE A 210 -2.11 21.07 13.41
C ILE A 210 -3.56 21.09 13.91
N ASP A 211 -3.85 21.98 14.85
CA ASP A 211 -5.19 22.09 15.42
C ASP A 211 -6.27 22.19 14.34
N ASN A 212 -6.01 22.99 13.32
CA ASN A 212 -6.98 23.13 12.25
C ASN A 212 -7.18 21.80 11.53
N LYS A 213 -6.07 21.10 11.27
CA LYS A 213 -6.13 19.81 10.60
C LYS A 213 -6.96 18.81 11.41
N VAL A 214 -6.77 18.79 12.72
CA VAL A 214 -7.52 17.88 13.60
C VAL A 214 -9.02 18.21 13.51
N ASP A 215 -9.35 19.50 13.48
CA ASP A 215 -10.74 19.95 13.38
C ASP A 215 -11.36 19.50 12.06
N VAL A 216 -10.62 19.69 10.97
CA VAL A 216 -11.10 19.30 9.65
C VAL A 216 -11.44 17.80 9.62
N VAL A 217 -10.57 16.98 10.20
CA VAL A 217 -10.81 15.54 10.24
C VAL A 217 -12.09 15.23 10.99
N ARG A 218 -12.27 15.86 12.14
CA ARG A 218 -13.49 15.64 12.94
C ARG A 218 -14.75 16.01 12.18
N ARG A 219 -14.71 17.16 11.50
CA ARG A 219 -15.87 17.59 10.73
C ARG A 219 -16.18 16.63 9.59
N ALA A 220 -15.14 16.11 8.95
CA ALA A 220 -15.35 15.17 7.84
C ALA A 220 -16.11 13.95 8.35
N ILE A 221 -15.72 13.47 9.52
CA ILE A 221 -16.37 12.31 10.11
C ILE A 221 -17.80 12.63 10.58
N ALA A 222 -17.98 13.71 11.34
CA ALA A 222 -19.31 14.08 11.82
C ALA A 222 -20.32 14.32 10.68
N ILE A 223 -19.89 15.04 9.65
CA ILE A 223 -20.76 15.34 8.52
C ILE A 223 -21.07 14.16 7.62
N ASN A 224 -20.09 13.28 7.40
CA ASN A 224 -20.31 12.12 6.52
C ASN A 224 -20.82 10.87 7.23
N GLN A 225 -20.50 10.73 8.51
CA GLN A 225 -20.96 9.55 9.24
C GLN A 225 -20.62 8.25 8.52
N PRO A 226 -19.33 8.05 8.18
CA PRO A 226 -18.96 6.81 7.50
C PRO A 226 -19.14 5.57 8.37
N ASN A 227 -19.60 4.48 7.77
CA ASN A 227 -19.80 3.22 8.49
C ASN A 227 -18.50 2.43 8.51
N PRO A 228 -17.84 2.34 9.69
CA PRO A 228 -16.57 1.61 9.86
C PRO A 228 -16.61 0.14 9.51
N ARG A 229 -17.81 -0.42 9.39
CA ARG A 229 -17.92 -1.83 9.06
C ARG A 229 -18.06 -2.00 7.55
N ASP A 230 -18.07 -0.89 6.82
CA ASP A 230 -18.18 -0.93 5.36
C ASP A 230 -17.03 -0.14 4.76
N GLY A 231 -15.93 -0.83 4.45
CA GLY A 231 -14.76 -0.19 3.90
C GLY A 231 -14.98 0.66 2.67
N ILE A 232 -15.92 0.27 1.82
CA ILE A 232 -16.18 1.04 0.61
C ILE A 232 -16.91 2.32 0.99
N ASP A 233 -17.76 2.25 2.02
CA ASP A 233 -18.49 3.43 2.48
C ASP A 233 -17.47 4.44 3.03
N VAL A 234 -16.48 3.95 3.77
CA VAL A 234 -15.49 4.84 4.34
C VAL A 234 -14.65 5.51 3.26
N LEU A 235 -14.14 4.73 2.32
CA LEU A 235 -13.33 5.25 1.23
C LEU A 235 -14.07 6.30 0.40
N SER A 236 -15.34 6.05 0.10
CA SER A 236 -16.08 6.99 -0.71
C SER A 236 -16.43 8.28 0.03
N LYS A 237 -16.63 8.19 1.34
CA LYS A 237 -17.00 9.36 2.11
C LYS A 237 -15.87 10.26 2.58
N VAL A 238 -14.89 9.68 3.27
CA VAL A 238 -13.76 10.44 3.81
C VAL A 238 -12.40 10.03 3.25
N GLY A 239 -12.40 9.29 2.14
CA GLY A 239 -11.14 8.87 1.54
C GLY A 239 -10.85 9.76 0.33
N GLY A 240 -10.27 9.16 -0.71
CA GLY A 240 -9.95 9.88 -1.93
C GLY A 240 -9.66 8.92 -3.07
N PHE A 241 -9.58 9.43 -4.30
CA PHE A 241 -9.30 8.62 -5.49
C PHE A 241 -8.00 7.86 -5.35
N ASP A 242 -6.95 8.56 -4.93
CA ASP A 242 -5.66 7.92 -4.76
C ASP A 242 -5.73 6.80 -3.72
N LEU A 243 -6.42 7.02 -2.59
CA LEU A 243 -6.54 5.97 -1.58
C LEU A 243 -7.36 4.78 -2.07
N VAL A 244 -8.40 5.07 -2.86
CA VAL A 244 -9.24 4.02 -3.42
C VAL A 244 -8.38 3.20 -4.38
N GLY A 245 -7.61 3.88 -5.22
CA GLY A 245 -6.76 3.16 -6.16
C GLY A 245 -5.74 2.24 -5.49
N MET A 246 -5.15 2.69 -4.38
CA MET A 246 -4.19 1.87 -3.65
C MET A 246 -4.89 0.62 -3.13
N THR A 247 -6.11 0.81 -2.63
CA THR A 247 -6.91 -0.30 -2.14
C THR A 247 -7.15 -1.27 -3.29
N GLY A 248 -7.42 -0.74 -4.48
CA GLY A 248 -7.66 -1.60 -5.63
C GLY A 248 -6.45 -2.42 -6.05
N VAL A 249 -5.25 -1.88 -5.84
CA VAL A 249 -4.05 -2.62 -6.21
C VAL A 249 -3.98 -3.85 -5.30
N MET A 250 -4.23 -3.63 -4.01
CA MET A 250 -4.23 -4.70 -3.03
C MET A 250 -5.27 -5.78 -3.30
N LEU A 251 -6.46 -5.38 -3.75
CA LEU A 251 -7.50 -6.40 -4.02
C LEU A 251 -7.14 -7.17 -5.29
N GLY A 252 -6.57 -6.45 -6.26
CA GLY A 252 -6.17 -7.07 -7.51
C GLY A 252 -5.06 -8.08 -7.33
N ALA A 253 -4.01 -7.71 -6.60
CA ALA A 253 -2.88 -8.61 -6.38
C ALA A 253 -3.34 -9.83 -5.59
N ALA A 254 -4.18 -9.60 -4.59
CA ALA A 254 -4.70 -10.69 -3.79
C ALA A 254 -5.53 -11.64 -4.66
N ARG A 255 -6.32 -11.08 -5.58
CA ARG A 255 -7.12 -11.90 -6.48
C ARG A 255 -6.23 -12.73 -7.40
N CYS A 256 -5.10 -12.17 -7.84
CA CYS A 256 -4.19 -12.91 -8.70
C CYS A 256 -3.16 -13.69 -7.88
N GLY A 257 -3.41 -13.77 -6.57
CA GLY A 257 -2.56 -14.51 -5.64
C GLY A 257 -1.12 -14.06 -5.53
N LEU A 258 -0.88 -12.76 -5.67
CA LEU A 258 0.48 -12.24 -5.60
C LEU A 258 0.71 -11.30 -4.42
N PRO A 259 1.98 -11.11 -4.01
CA PRO A 259 2.30 -10.24 -2.89
C PRO A 259 2.36 -8.77 -3.23
N VAL A 260 1.99 -7.95 -2.25
CA VAL A 260 1.99 -6.50 -2.37
C VAL A 260 2.76 -5.89 -1.21
N LEU A 261 3.71 -5.02 -1.53
CA LEU A 261 4.49 -4.34 -0.52
C LEU A 261 3.82 -3.00 -0.20
N LEU A 262 3.45 -2.79 1.05
CA LEU A 262 2.86 -1.53 1.46
C LEU A 262 3.98 -0.47 1.46
N ASP A 263 3.60 0.79 1.63
CA ASP A 263 4.57 1.87 1.68
C ASP A 263 4.44 2.50 3.05
N GLY A 264 4.00 3.76 3.09
CA GLY A 264 3.84 4.44 4.36
C GLY A 264 2.43 4.65 4.87
N PHE A 265 2.25 5.74 5.59
CA PHE A 265 0.97 6.08 6.22
C PHE A 265 -0.29 6.00 5.34
N LEU A 266 -0.20 6.54 4.12
CA LEU A 266 -1.34 6.52 3.22
C LEU A 266 -1.71 5.06 2.87
N SER A 267 -0.69 4.24 2.62
CA SER A 267 -0.91 2.85 2.28
C SER A 267 -1.50 2.08 3.46
N TYR A 268 -1.20 2.50 4.69
CA TYR A 268 -1.78 1.82 5.85
C TYR A 268 -3.29 2.02 5.82
N SER A 269 -3.73 3.26 5.57
CA SER A 269 -5.16 3.57 5.49
C SER A 269 -5.84 2.69 4.48
N ALA A 270 -5.28 2.65 3.28
CA ALA A 270 -5.84 1.84 2.20
C ALA A 270 -5.85 0.37 2.60
N ALA A 271 -4.81 -0.08 3.28
CA ALA A 271 -4.77 -1.49 3.68
C ALA A 271 -5.85 -1.80 4.73
N LEU A 272 -6.16 -0.84 5.60
CA LEU A 272 -7.20 -1.07 6.60
C LEU A 272 -8.52 -1.24 5.85
N ALA A 273 -8.76 -0.38 4.87
CA ALA A 273 -9.97 -0.44 4.06
C ALA A 273 -10.06 -1.77 3.32
N ALA A 274 -8.98 -2.17 2.66
CA ALA A 274 -8.95 -3.43 1.92
C ALA A 274 -9.26 -4.64 2.81
N CYS A 275 -8.64 -4.69 3.99
CA CYS A 275 -8.87 -5.81 4.89
C CYS A 275 -10.27 -5.82 5.46
N GLN A 276 -10.87 -4.64 5.56
CA GLN A 276 -12.24 -4.54 6.06
C GLN A 276 -13.19 -5.08 4.98
N ILE A 277 -12.90 -4.71 3.74
CA ILE A 277 -13.69 -5.12 2.59
C ILE A 277 -13.57 -6.62 2.32
N ALA A 278 -12.35 -7.14 2.43
CA ALA A 278 -12.11 -8.56 2.20
C ALA A 278 -10.94 -8.98 3.07
N PRO A 279 -11.24 -9.66 4.18
CA PRO A 279 -10.18 -10.13 5.10
C PRO A 279 -9.20 -11.06 4.42
N ALA A 280 -9.64 -11.71 3.35
CA ALA A 280 -8.80 -12.64 2.61
C ALA A 280 -7.60 -11.96 1.97
N VAL A 281 -7.62 -10.63 1.97
CA VAL A 281 -6.50 -9.89 1.39
C VAL A 281 -5.26 -9.84 2.30
N ARG A 282 -5.48 -9.89 3.60
CA ARG A 282 -4.40 -9.79 4.59
C ARG A 282 -3.13 -10.63 4.34
N PRO A 283 -3.28 -11.92 4.05
CA PRO A 283 -2.14 -12.82 3.80
C PRO A 283 -1.20 -12.40 2.66
N TYR A 284 -1.67 -11.51 1.80
CA TYR A 284 -0.87 -11.06 0.65
C TYR A 284 -0.10 -9.76 0.89
N LEU A 285 -0.42 -9.07 1.98
CA LEU A 285 0.23 -7.81 2.32
C LEU A 285 1.54 -8.01 3.04
N ILE A 286 2.54 -7.23 2.64
CA ILE A 286 3.87 -7.30 3.23
C ILE A 286 4.28 -5.87 3.61
N PRO A 287 4.55 -5.64 4.89
CA PRO A 287 4.95 -4.28 5.30
C PRO A 287 6.36 -3.96 4.79
N SER A 288 6.68 -2.68 4.64
CA SER A 288 8.02 -2.32 4.21
C SER A 288 8.68 -1.53 5.35
N HIS A 289 8.33 -0.25 5.48
CA HIS A 289 8.94 0.58 6.52
C HIS A 289 7.94 1.12 7.53
N PHE A 290 8.47 1.78 8.56
CA PHE A 290 7.66 2.37 9.62
C PHE A 290 7.63 3.88 9.40
N SER A 291 6.52 4.37 8.86
CA SER A 291 6.34 5.80 8.57
C SER A 291 6.51 6.70 9.81
N ALA A 292 7.10 7.87 9.61
CA ALA A 292 7.31 8.84 10.68
C ALA A 292 6.02 9.62 10.98
N GLU A 293 4.94 9.34 10.26
CA GLU A 293 3.68 10.03 10.49
C GLU A 293 3.19 9.63 11.88
N LYS A 294 2.61 10.58 12.62
CA LYS A 294 2.11 10.34 13.96
C LYS A 294 1.20 9.11 14.14
N GLY A 295 0.20 8.95 13.28
CA GLY A 295 -0.71 7.83 13.40
C GLY A 295 -0.24 6.47 12.90
N ALA A 296 1.03 6.37 12.52
CA ALA A 296 1.57 5.11 12.00
C ALA A 296 1.46 3.93 12.97
N ARG A 297 1.89 4.14 14.22
CA ARG A 297 1.85 3.06 15.21
C ARG A 297 0.47 2.45 15.37
N ILE A 298 -0.55 3.31 15.48
CA ILE A 298 -1.93 2.85 15.67
C ILE A 298 -2.42 2.07 14.46
N ALA A 299 -2.23 2.63 13.27
CA ALA A 299 -2.65 1.96 12.04
C ALA A 299 -2.02 0.57 11.90
N LEU A 300 -0.72 0.47 12.17
CA LEU A 300 0.00 -0.78 12.06
C LEU A 300 -0.46 -1.80 13.09
N ALA A 301 -0.84 -1.32 14.27
CA ALA A 301 -1.31 -2.20 15.33
C ALA A 301 -2.60 -2.89 14.92
N HIS A 302 -3.51 -2.14 14.32
CA HIS A 302 -4.77 -2.73 13.90
C HIS A 302 -4.62 -3.63 12.69
N LEU A 303 -3.48 -3.55 12.02
CA LEU A 303 -3.21 -4.41 10.86
C LEU A 303 -2.34 -5.58 11.34
N SER A 304 -1.91 -5.50 12.60
CA SER A 304 -1.04 -6.51 13.20
C SER A 304 0.21 -6.67 12.34
N MET A 305 0.83 -5.56 11.95
CA MET A 305 2.03 -5.60 11.12
C MET A 305 3.21 -4.90 11.78
N GLU A 306 4.39 -5.45 11.53
CA GLU A 306 5.62 -4.90 12.06
C GLU A 306 6.57 -4.68 10.88
N PRO A 307 6.75 -3.41 10.46
CA PRO A 307 7.64 -3.08 9.34
C PRO A 307 9.05 -3.61 9.56
N TYR A 308 9.77 -3.85 8.46
CA TYR A 308 11.14 -4.34 8.53
C TYR A 308 12.13 -3.18 8.63
N LEU A 309 11.75 -2.05 8.04
CA LEU A 309 12.61 -0.89 7.99
C LEU A 309 12.18 0.31 8.84
N HIS A 310 13.13 0.84 9.59
CA HIS A 310 12.88 2.01 10.42
C HIS A 310 13.78 3.10 9.86
N MET A 311 13.25 3.85 8.89
CA MET A 311 14.02 4.89 8.25
C MET A 311 13.51 6.30 8.51
N ALA A 312 12.49 6.42 9.35
CA ALA A 312 11.87 7.70 9.67
C ALA A 312 11.44 8.41 8.39
N MET A 313 11.11 7.64 7.36
CA MET A 313 10.70 8.20 6.08
C MET A 313 9.24 8.65 6.07
N ARG A 314 8.96 9.66 5.26
CA ARG A 314 7.61 10.21 5.16
C ARG A 314 7.44 10.95 3.82
N LEU A 315 7.97 10.36 2.76
CA LEU A 315 7.88 10.97 1.43
C LEU A 315 6.67 10.45 0.67
N GLY A 316 6.43 9.15 0.75
CA GLY A 316 5.32 8.57 0.03
C GLY A 316 5.84 8.11 -1.33
N GLU A 317 4.96 8.11 -2.33
CA GLU A 317 5.28 7.71 -3.70
C GLU A 317 5.55 6.22 -3.90
N GLY A 318 5.61 5.48 -2.80
CA GLY A 318 5.91 4.07 -2.90
C GLY A 318 7.41 3.89 -2.71
N SER A 319 8.09 4.94 -2.25
CA SER A 319 9.53 4.89 -2.02
C SER A 319 9.96 3.84 -1.00
N GLY A 320 9.20 3.69 0.10
CA GLY A 320 9.55 2.70 1.09
C GLY A 320 9.36 1.30 0.54
N ALA A 321 8.33 1.14 -0.28
CA ALA A 321 8.02 -0.14 -0.91
C ALA A 321 9.19 -0.62 -1.78
N ALA A 322 9.71 0.27 -2.60
CA ALA A 322 10.84 -0.04 -3.49
C ALA A 322 12.08 -0.38 -2.67
N LEU A 323 12.27 0.34 -1.57
CA LEU A 323 13.42 0.15 -0.71
C LEU A 323 13.41 -1.25 -0.05
N ALA A 324 12.23 -1.84 0.12
CA ALA A 324 12.12 -3.15 0.75
C ALA A 324 12.12 -4.32 -0.23
N MET A 325 12.03 -4.04 -1.52
CA MET A 325 12.02 -5.12 -2.50
C MET A 325 13.27 -6.03 -2.40
N PRO A 326 14.47 -5.44 -2.17
CA PRO A 326 15.69 -6.24 -2.06
C PRO A 326 15.56 -7.23 -0.88
N ILE A 327 14.75 -6.87 0.10
CA ILE A 327 14.58 -7.74 1.23
C ILE A 327 13.78 -8.97 0.80
N VAL A 328 12.72 -8.76 0.04
CA VAL A 328 11.91 -9.88 -0.43
C VAL A 328 12.79 -10.81 -1.25
N GLU A 329 13.60 -10.23 -2.16
CA GLU A 329 14.49 -11.06 -2.97
C GLU A 329 15.50 -11.80 -2.10
N ALA A 330 15.91 -11.22 -0.97
CA ALA A 330 16.87 -11.88 -0.09
C ALA A 330 16.28 -13.15 0.50
N ALA A 331 15.00 -13.10 0.86
CA ALA A 331 14.35 -14.26 1.43
C ALA A 331 14.33 -15.38 0.40
N CYS A 332 14.12 -15.01 -0.86
CA CYS A 332 14.07 -15.98 -1.94
C CYS A 332 15.46 -16.57 -2.19
N ALA A 333 16.49 -15.70 -2.17
CA ALA A 333 17.87 -16.13 -2.37
C ALA A 333 18.29 -17.08 -1.24
N MET A 334 17.88 -16.78 -0.02
CA MET A 334 18.19 -17.63 1.13
C MET A 334 17.64 -19.03 0.88
N PHE A 335 16.35 -19.05 0.54
CA PHE A 335 15.62 -20.29 0.30
C PHE A 335 16.20 -21.18 -0.78
N HIS A 336 16.59 -20.58 -1.90
CA HIS A 336 17.11 -21.33 -3.04
C HIS A 336 18.61 -21.59 -3.12
N ASN A 337 19.42 -20.64 -2.66
CA ASN A 337 20.88 -20.76 -2.78
C ASN A 337 21.66 -21.29 -1.58
N MET A 338 21.08 -21.31 -0.40
CA MET A 338 21.84 -21.82 0.75
C MET A 338 22.02 -23.32 0.72
N GLY A 339 23.09 -23.79 1.36
CA GLY A 339 23.35 -25.21 1.41
C GLY A 339 22.58 -25.85 2.56
N GLU A 340 22.64 -27.17 2.67
CA GLU A 340 21.91 -27.88 3.71
C GLU A 340 22.79 -28.55 4.75
N LEU A 341 22.31 -28.54 5.99
CA LEU A 341 23.01 -29.13 7.11
C LEU A 341 23.43 -30.59 6.88
N ALA A 342 22.50 -31.39 6.39
CA ALA A 342 22.76 -32.80 6.13
C ALA A 342 23.94 -33.00 5.19
N ALA A 343 24.05 -32.14 4.19
CA ALA A 343 25.14 -32.24 3.22
C ALA A 343 26.51 -31.97 3.85
N SER A 344 26.52 -31.39 5.04
CA SER A 344 27.76 -31.12 5.72
C SER A 344 27.90 -32.01 6.95
N ASN A 345 26.99 -32.98 7.07
CA ASN A 345 27.02 -33.90 8.20
C ASN A 345 26.91 -33.18 9.53
N ILE A 346 26.23 -32.04 9.54
CA ILE A 346 26.08 -31.29 10.77
C ILE A 346 24.75 -31.62 11.43
N VAL A 347 24.80 -32.01 12.70
CA VAL A 347 23.60 -32.36 13.44
C VAL A 347 23.48 -31.46 14.67
N LEU A 348 22.34 -30.78 14.79
CA LEU A 348 22.11 -29.90 15.93
C LEU A 348 20.94 -30.45 16.75
N PRO A 349 21.03 -30.36 18.09
CA PRO A 349 19.97 -30.84 18.98
C PRO A 349 18.58 -30.34 18.65
#